data_7U3P
#
_entry.id   7U3P
#
_cell.length_a   159.208
_cell.length_b   159.208
_cell.length_c   127.740
_cell.angle_alpha   90.000
_cell.angle_beta   90.000
_cell.angle_gamma   120.000
#
_symmetry.space_group_name_H-M   'H 3'
#
loop_
_entity.id
_entity.type
_entity.pdbx_description
1 polymer "DNA (5'-D(P*GP*TP*AP*CP*TP*CP*AP*GP*CP*AP*TP*CP*TP*GP*AP*TP*GP*T)-3')"
2 polymer 'DNA (31-MER)'
3 polymer "DNA (5'-D(P*CP*CP*GP*TP*AP*CP*A)-3')"
4 polymer "DNA (5'-D(P*GP*GP*CP*TP*GP*C)-3')"
#
loop_
_entity_poly.entity_id
_entity_poly.type
_entity_poly.pdbx_seq_one_letter_code
_entity_poly.pdbx_strand_id
1 'polydeoxyribonucleotide' (DG)(DT)(DA)(DC)(DT)(DC)(DA)(DG)(DC)(DA)(DT)(DC)(DT)(DG)(DA)(DT)(DG)(DT) C
2 'polydeoxyribonucleotide'
;(DA)(DC)(DG)(DC)(DA)(DG)(DC)(DC)(DT)(DG)(DT)(DA)(DC)(DG)(DG)(DA)(DC)(DA)(DT)(DC)
(DA)(DG)(DA)(DT)(DG)(DC)(DT)(DG)(DA)(DG)(DT)
;
A
3 'polydeoxyribonucleotide' (DC)(DC)(DG)(DT)(DA)(DC)(DA) B
4 'polydeoxyribonucleotide' (DG)(DG)(DC)(DT)(DG)(DC) D
#